data_4XPZ
#
_entry.id   4XPZ
#
_cell.length_a   55.692
_cell.length_b   79.989
_cell.length_c   89.132
_cell.angle_alpha   90.000
_cell.angle_beta   90.000
_cell.angle_gamma   90.000
#
_symmetry.space_group_name_H-M   'P 21 21 21'
#
loop_
_entity.id
_entity.type
_entity.pdbx_description
1 polymer 'RNA polymerase II subunit A C-terminal domain phosphatase'
2 non-polymer 'ALUMINUM FLUORIDE'
3 non-polymer 'TETRAETHYLENE GLYCOL'
4 non-polymer 'MAGNESIUM ION'
5 water water
#
_entity_poly.entity_id   1
_entity_poly.type   'polypeptide(L)'
_entity_poly.pdbx_seq_one_letter_code
;SLSRLESENVKRLRQEKRLSLIVDLDQTIIHATVDPTVGEWMSDPGNVNYDVLRDVRSFNLQEGPSGYTSCYYIKFRPGL
AQFLQKISELYELHIYTMGTKAYAKEVAKIIDPTGKLFQDRVLSADDSGSLAQKSLRRLFPCDTSMVVVIDDRGDVWDWN
PNLIKVVPYEFFVGIGDINSNFLGSNREALEEQNKERVTALELQKSERPLAKQQNALLEDEGKPTPSHTLLHNRDHELER
LEKVLKDIHAVYYEEENDISSRSGNHKHANVGLIIPKMKQKVLKGCRLLFSGVIPLGVDVLSSDIAKWAMSFGAEVVLDF
SVPPTHLIAAKIRTEKVKKAVSMGNIKVVKLNWLTESLSQWKRLPESDYLLY
;
_entity_poly.pdbx_strand_id   A
#
loop_
_chem_comp.id
_chem_comp.type
_chem_comp.name
_chem_comp.formula
AF3 non-polymer 'ALUMINUM FLUORIDE' 'Al F3'
MG non-polymer 'MAGNESIUM ION' 'Mg 2'
PG4 non-polymer 'TETRAETHYLENE GLYCOL' 'C8 H18 O5'
#
# COMPACT_ATOMS: atom_id res chain seq x y z
N ARG A 4 6.33 -31.36 5.30
CA ARG A 4 5.01 -31.47 5.89
C ARG A 4 4.46 -30.09 6.22
N LEU A 5 5.35 -29.13 6.39
CA LEU A 5 4.98 -27.87 7.01
C LEU A 5 3.95 -27.11 6.18
N GLU A 6 4.20 -26.96 4.88
CA GLU A 6 3.37 -26.06 4.06
C GLU A 6 1.91 -26.54 3.99
N SER A 7 1.72 -27.81 3.70
CA SER A 7 0.40 -28.34 3.47
C SER A 7 -0.29 -28.44 4.82
N GLU A 8 0.47 -28.67 5.88
CA GLU A 8 -0.13 -28.72 7.21
C GLU A 8 -0.55 -27.31 7.71
N ASN A 9 0.15 -26.27 7.31
CA ASN A 9 -0.27 -24.94 7.73
C ASN A 9 -1.60 -24.61 7.10
N VAL A 10 -1.76 -24.93 5.82
CA VAL A 10 -3.02 -24.70 5.12
C VAL A 10 -4.13 -25.44 5.89
N LYS A 11 -3.89 -26.68 6.29
CA LYS A 11 -4.95 -27.43 6.96
C LYS A 11 -5.26 -26.83 8.35
N ARG A 12 -4.22 -26.37 9.02
CA ARG A 12 -4.36 -25.77 10.35
C ARG A 12 -5.18 -24.47 10.25
N LEU A 13 -4.86 -23.65 9.25
CA LEU A 13 -5.56 -22.40 9.07
C LEU A 13 -7.03 -22.65 8.81
N ARG A 14 -7.35 -23.68 8.05
CA ARG A 14 -8.78 -23.98 7.85
C ARG A 14 -9.45 -24.45 9.13
N GLN A 15 -8.76 -25.22 9.96
CA GLN A 15 -9.31 -25.61 11.26
CA GLN A 15 -9.31 -25.61 11.26
C GLN A 15 -9.57 -24.39 12.17
N GLU A 16 -8.68 -23.39 12.09
CA GLU A 16 -8.76 -22.15 12.86
C GLU A 16 -9.78 -21.19 12.22
N LYS A 17 -10.26 -21.55 11.03
CA LYS A 17 -11.11 -20.65 10.23
C LYS A 17 -10.45 -19.28 10.02
N ARG A 18 -9.18 -19.32 9.61
CA ARG A 18 -8.42 -18.15 9.29
C ARG A 18 -7.83 -18.24 7.87
N LEU A 19 -7.42 -17.08 7.39
CA LEU A 19 -6.66 -16.95 6.17
C LEU A 19 -5.26 -16.47 6.58
N SER A 20 -4.40 -16.17 5.59
CA SER A 20 -3.06 -15.62 5.83
C SER A 20 -3.02 -14.22 5.27
N LEU A 21 -2.47 -13.26 6.01
CA LEU A 21 -2.32 -11.87 5.56
C LEU A 21 -0.88 -11.45 5.58
N ILE A 22 -0.41 -11.02 4.43
CA ILE A 22 0.91 -10.43 4.29
C ILE A 22 0.80 -8.92 4.37
N VAL A 23 1.52 -8.34 5.32
CA VAL A 23 1.40 -6.93 5.66
C VAL A 23 2.68 -6.17 5.32
N ASP A 24 2.58 -5.21 4.42
CA ASP A 24 3.67 -4.24 4.18
C ASP A 24 3.77 -3.31 5.37
N LEU A 25 4.96 -2.77 5.59
CA LEU A 25 5.11 -1.73 6.64
C LEU A 25 4.96 -0.33 6.03
N ASP A 26 5.96 0.11 5.29
CA ASP A 26 6.07 1.52 4.91
C ASP A 26 4.92 1.97 4.06
N GLN A 27 4.27 3.03 4.56
CA GLN A 27 3.11 3.64 3.89
C GLN A 27 1.87 2.72 3.81
N THR A 28 1.91 1.58 4.51
CA THR A 28 0.73 0.74 4.65
C THR A 28 0.22 0.83 6.05
N ILE A 29 1.01 0.43 7.06
CA ILE A 29 0.63 0.53 8.45
C ILE A 29 1.45 1.57 9.26
N ILE A 30 2.54 2.05 8.67
CA ILE A 30 3.36 3.07 9.32
C ILE A 30 3.79 4.10 8.31
N HIS A 31 4.30 5.24 8.82
CA HIS A 31 5.06 6.18 8.03
C HIS A 31 6.30 6.53 8.82
N ALA A 32 7.47 6.43 8.21
CA ALA A 32 8.74 6.64 8.87
C ALA A 32 9.49 7.82 8.28
N THR A 33 10.23 8.55 9.12
CA THR A 33 11.13 9.58 8.65
C THR A 33 12.36 9.61 9.54
N VAL A 34 13.44 10.18 9.02
CA VAL A 34 14.61 10.47 9.81
C VAL A 34 14.84 11.99 9.98
N ASP A 35 13.87 12.79 9.57
CA ASP A 35 14.01 14.25 9.72
C ASP A 35 14.04 14.60 11.21
N PRO A 36 15.13 15.19 11.70
CA PRO A 36 15.25 15.45 13.13
C PRO A 36 14.23 16.49 13.64
N THR A 37 13.60 17.20 12.71
CA THR A 37 12.52 18.13 13.06
C THR A 37 11.51 17.41 13.93
N VAL A 38 11.22 16.14 13.69
CA VAL A 38 10.20 15.46 14.45
C VAL A 38 10.57 15.39 15.92
N GLY A 39 11.82 15.14 16.25
CA GLY A 39 12.20 15.09 17.65
C GLY A 39 12.08 16.43 18.34
N GLU A 40 12.36 17.49 17.63
CA GLU A 40 12.20 18.81 18.17
C GLU A 40 10.74 19.07 18.46
N TRP A 41 9.85 18.81 17.51
CA TRP A 41 8.43 19.03 17.74
C TRP A 41 7.88 18.19 18.85
N MET A 42 8.35 16.94 18.96
CA MET A 42 7.96 16.04 20.06
CA MET A 42 7.90 16.10 20.07
C MET A 42 8.44 16.53 21.42
N SER A 43 9.47 17.33 21.45
CA SER A 43 10.08 17.72 22.70
C SER A 43 9.34 18.95 23.23
N ASP A 44 8.37 19.47 22.47
CA ASP A 44 7.74 20.75 22.81
C ASP A 44 6.23 20.75 22.87
N PRO A 45 5.64 20.67 24.08
CA PRO A 45 4.20 20.57 24.17
C PRO A 45 3.48 21.80 23.64
N GLY A 46 4.17 22.90 23.43
CA GLY A 46 3.54 24.08 22.87
C GLY A 46 3.48 24.09 21.35
N ASN A 47 4.16 23.15 20.72
CA ASN A 47 4.22 23.16 19.26
C ASN A 47 2.92 22.86 18.58
N VAL A 48 2.64 23.54 17.48
CA VAL A 48 1.40 23.24 16.74
C VAL A 48 1.27 21.77 16.32
N ASN A 49 2.40 21.10 16.09
CA ASN A 49 2.40 19.69 15.73
C ASN A 49 2.46 18.69 16.89
N TYR A 50 2.58 19.16 18.12
CA TYR A 50 2.88 18.24 19.23
C TYR A 50 1.74 17.25 19.44
N ASP A 51 0.50 17.70 19.46
CA ASP A 51 -0.58 16.80 19.80
CA ASP A 51 -0.59 16.80 19.79
C ASP A 51 -0.65 15.61 18.84
N VAL A 52 -0.48 15.82 17.53
CA VAL A 52 -0.61 14.70 16.58
C VAL A 52 0.63 13.83 16.55
N LEU A 53 1.68 14.22 17.25
CA LEU A 53 2.92 13.46 17.35
C LEU A 53 2.99 12.64 18.63
N ARG A 54 1.99 12.79 19.50
CA ARG A 54 2.11 12.16 20.81
C ARG A 54 2.28 10.66 20.73
N ASP A 55 1.74 10.02 19.71
CA ASP A 55 1.80 8.55 19.55
C ASP A 55 2.96 8.09 18.73
N VAL A 56 3.78 9.01 18.22
CA VAL A 56 4.96 8.64 17.44
C VAL A 56 6.01 7.96 18.35
N ARG A 57 6.68 6.96 17.79
CA ARG A 57 7.71 6.25 18.53
C ARG A 57 8.97 6.26 17.74
N SER A 58 10.11 6.14 18.37
CA SER A 58 11.37 6.19 17.62
C SER A 58 12.30 5.07 18.02
N PHE A 59 13.29 4.83 17.16
CA PHE A 59 14.42 3.95 17.47
C PHE A 59 15.67 4.35 16.70
N ASN A 60 16.83 3.93 17.17
CA ASN A 60 18.10 4.21 16.46
C ASN A 60 18.55 2.95 15.75
N LEU A 61 19.11 3.09 14.57
CA LEU A 61 19.78 1.95 13.90
C LEU A 61 21.12 2.39 13.42
N GLN A 62 22.11 1.50 13.52
CA GLN A 62 23.42 1.69 12.91
CA GLN A 62 23.42 1.70 12.90
C GLN A 62 23.42 1.03 11.51
N GLU A 63 23.85 1.76 10.48
CA GLU A 63 23.72 1.25 9.09
C GLU A 63 25.01 1.44 8.34
N GLY A 64 25.32 0.42 7.55
CA GLY A 64 26.50 0.46 6.73
C GLY A 64 27.72 0.01 7.48
N PRO A 65 28.85 0.07 6.78
CA PRO A 65 30.09 -0.47 7.30
C PRO A 65 30.71 0.47 8.32
N SER A 66 30.25 1.72 8.36
CA SER A 66 30.80 2.70 9.29
C SER A 66 29.87 2.87 10.46
N GLY A 67 28.80 2.08 10.49
CA GLY A 67 27.85 2.21 11.56
C GLY A 67 27.28 3.60 11.68
N TYR A 68 27.00 4.22 10.53
CA TYR A 68 26.23 5.48 10.48
C TYR A 68 24.92 5.24 11.25
N THR A 69 24.59 6.14 12.17
CA THR A 69 23.43 5.95 13.03
C THR A 69 22.36 6.97 12.74
N SER A 70 21.10 6.49 12.69
CA SER A 70 19.95 7.33 12.49
C SER A 70 18.85 7.02 13.46
N CYS A 71 18.17 8.07 13.90
CA CYS A 71 16.94 8.01 14.66
C CYS A 71 15.80 8.03 13.69
N TYR A 72 15.04 6.94 13.67
CA TYR A 72 13.84 6.84 12.89
C TYR A 72 12.64 7.16 13.73
N TYR A 73 11.76 7.98 13.20
CA TYR A 73 10.52 8.34 13.84
C TYR A 73 9.41 7.62 13.09
N ILE A 74 8.62 6.87 13.82
CA ILE A 74 7.55 6.03 13.24
C ILE A 74 6.18 6.49 13.70
N LYS A 75 5.34 6.87 12.73
CA LYS A 75 3.94 7.12 13.00
C LYS A 75 3.15 5.85 12.64
N PHE A 76 2.32 5.38 13.53
CA PHE A 76 1.44 4.23 13.31
C PHE A 76 0.12 4.77 12.73
N ARG A 77 -0.38 4.11 11.70
CA ARG A 77 -1.56 4.59 11.07
C ARG A 77 -2.72 4.53 12.07
N PRO A 78 -3.64 5.51 12.01
CA PRO A 78 -4.70 5.54 13.01
C PRO A 78 -5.53 4.26 13.05
N GLY A 79 -5.79 3.79 14.27
CA GLY A 79 -6.52 2.57 14.47
C GLY A 79 -5.73 1.28 14.36
N LEU A 80 -4.42 1.38 14.28
CA LEU A 80 -3.59 0.20 14.01
C LEU A 80 -3.74 -0.87 15.05
N ALA A 81 -3.69 -0.54 16.34
CA ALA A 81 -3.71 -1.58 17.35
C ALA A 81 -4.96 -2.38 17.28
N GLN A 82 -6.08 -1.69 17.16
CA GLN A 82 -7.36 -2.38 17.07
CA GLN A 82 -7.36 -2.38 17.08
C GLN A 82 -7.50 -3.17 15.78
N PHE A 83 -7.00 -2.60 14.68
CA PHE A 83 -7.03 -3.26 13.38
C PHE A 83 -6.28 -4.58 13.48
N LEU A 84 -5.06 -4.55 14.01
CA LEU A 84 -4.28 -5.80 14.07
C LEU A 84 -4.93 -6.81 15.00
N GLN A 85 -5.45 -6.40 16.15
CA GLN A 85 -6.13 -7.35 17.04
C GLN A 85 -7.30 -7.99 16.34
N LYS A 86 -8.17 -7.20 15.72
CA LYS A 86 -9.36 -7.76 15.13
C LYS A 86 -9.03 -8.62 13.93
N ILE A 87 -8.10 -8.15 13.10
CA ILE A 87 -7.80 -8.86 11.87
C ILE A 87 -7.04 -10.15 12.19
N SER A 88 -6.28 -10.17 13.27
CA SER A 88 -5.56 -11.40 13.67
CA SER A 88 -5.54 -11.37 13.67
C SER A 88 -6.48 -12.52 14.06
N GLU A 89 -7.73 -12.21 14.40
CA GLU A 89 -8.70 -13.27 14.71
C GLU A 89 -9.11 -14.03 13.46
N LEU A 90 -8.97 -13.36 12.31
CA LEU A 90 -9.39 -13.88 11.01
C LEU A 90 -8.26 -14.25 10.09
N TYR A 91 -7.08 -13.69 10.31
CA TYR A 91 -5.91 -13.89 9.48
C TYR A 91 -4.67 -14.08 10.33
N GLU A 92 -3.86 -15.04 9.95
CA GLU A 92 -2.51 -15.19 10.55
C GLU A 92 -1.61 -14.16 9.86
N LEU A 93 -1.02 -13.25 10.66
CA LEU A 93 -0.32 -12.10 10.14
C LEU A 93 1.17 -12.37 9.89
N HIS A 94 1.63 -11.84 8.76
CA HIS A 94 3.06 -11.84 8.42
C HIS A 94 3.45 -10.42 8.05
N ILE A 95 4.69 -10.02 8.32
CA ILE A 95 5.24 -8.80 7.74
C ILE A 95 6.12 -9.18 6.56
N TYR A 96 6.05 -8.37 5.49
CA TYR A 96 6.92 -8.56 4.35
C TYR A 96 7.27 -7.15 3.87
N THR A 97 8.50 -6.75 4.18
CA THR A 97 8.99 -5.40 3.93
C THR A 97 10.24 -5.45 3.07
N MET A 98 10.42 -4.36 2.33
CA MET A 98 11.68 -4.07 1.65
CA MET A 98 11.68 -4.11 1.63
C MET A 98 12.68 -3.37 2.53
N GLY A 99 12.27 -2.98 3.72
CA GLY A 99 13.25 -2.53 4.70
C GLY A 99 14.14 -3.69 5.15
N THR A 100 15.26 -3.38 5.79
CA THR A 100 16.17 -4.38 6.31
C THR A 100 15.54 -5.14 7.47
N LYS A 101 16.16 -6.29 7.73
CA LYS A 101 15.72 -7.10 8.86
C LYS A 101 15.78 -6.32 10.18
N ALA A 102 16.84 -5.55 10.37
CA ALA A 102 16.95 -4.74 11.58
C ALA A 102 15.83 -3.71 11.68
N TYR A 103 15.47 -3.10 10.56
CA TYR A 103 14.38 -2.14 10.54
C TYR A 103 13.04 -2.80 10.86
N ALA A 104 12.82 -3.96 10.22
CA ALA A 104 11.57 -4.69 10.42
C ALA A 104 11.46 -5.10 11.90
N LYS A 105 12.55 -5.56 12.48
CA LYS A 105 12.57 -5.98 13.87
C LYS A 105 12.29 -4.84 14.81
N GLU A 106 12.85 -3.67 14.52
CA GLU A 106 12.57 -2.51 15.35
C GLU A 106 11.12 -2.09 15.27
N VAL A 107 10.53 -2.10 14.10
CA VAL A 107 9.11 -1.79 14.00
C VAL A 107 8.26 -2.83 14.73
N ALA A 108 8.57 -4.10 14.54
CA ALA A 108 7.80 -5.18 15.20
C ALA A 108 7.92 -5.10 16.72
N LYS A 109 9.06 -4.68 17.25
CA LYS A 109 9.22 -4.51 18.68
C LYS A 109 8.23 -3.48 19.25
N ILE A 110 7.87 -2.48 18.47
CA ILE A 110 6.94 -1.45 18.93
C ILE A 110 5.51 -1.83 18.70
N ILE A 111 5.22 -2.38 17.51
CA ILE A 111 3.82 -2.77 17.24
C ILE A 111 3.41 -4.09 17.83
N ASP A 112 4.36 -4.96 18.18
CA ASP A 112 4.09 -6.30 18.67
C ASP A 112 5.13 -6.72 19.67
N PRO A 113 5.20 -6.03 20.83
CA PRO A 113 6.34 -6.24 21.72
C PRO A 113 6.55 -7.68 22.16
N THR A 114 5.47 -8.41 22.47
CA THR A 114 5.63 -9.78 22.92
C THR A 114 5.61 -10.82 21.82
N GLY A 115 5.40 -10.38 20.59
CA GLY A 115 5.47 -11.29 19.46
C GLY A 115 4.18 -11.99 19.18
N LYS A 116 3.11 -11.68 19.90
CA LYS A 116 1.88 -12.45 19.75
C LYS A 116 1.22 -12.26 18.39
N LEU A 117 1.40 -11.15 17.74
CA LEU A 117 0.70 -10.88 16.48
C LEU A 117 1.42 -11.49 15.30
N PHE A 118 2.75 -11.30 15.25
CA PHE A 118 3.56 -11.75 14.08
C PHE A 118 4.49 -12.88 14.40
N GLN A 119 4.75 -13.15 15.69
CA GLN A 119 5.80 -14.09 16.06
C GLN A 119 7.07 -13.78 15.25
N ASP A 120 7.65 -14.78 14.64
CA ASP A 120 8.84 -14.55 13.84
CA ASP A 120 8.85 -14.55 13.83
C ASP A 120 8.53 -14.47 12.34
N ARG A 121 7.26 -14.21 11.99
CA ARG A 121 6.82 -14.20 10.60
C ARG A 121 7.07 -12.83 10.02
N VAL A 122 8.35 -12.49 9.91
CA VAL A 122 8.82 -11.19 9.51
C VAL A 122 9.85 -11.40 8.42
N LEU A 123 9.50 -10.92 7.24
N LEU A 123 9.47 -11.07 7.19
CA LEU A 123 10.34 -11.10 6.08
CA LEU A 123 10.37 -11.17 6.05
C LEU A 123 10.78 -9.73 5.62
C LEU A 123 10.82 -9.75 5.72
N SER A 124 12.07 -9.64 5.28
CA SER A 124 12.66 -8.36 5.00
C SER A 124 13.58 -8.47 3.83
N ALA A 125 14.29 -7.38 3.54
CA ALA A 125 15.23 -7.38 2.41
C ALA A 125 16.34 -8.36 2.59
N ASP A 126 16.71 -8.63 3.83
CA ASP A 126 17.83 -9.54 4.09
C ASP A 126 17.52 -10.98 3.68
N ASP A 127 16.25 -11.34 3.71
CA ASP A 127 15.91 -12.75 3.56
C ASP A 127 14.75 -13.06 2.63
N SER A 128 14.24 -12.06 1.93
CA SER A 128 13.12 -12.29 1.02
C SER A 128 13.60 -12.83 -0.31
N GLY A 129 14.82 -12.52 -0.70
CA GLY A 129 15.34 -12.97 -1.97
C GLY A 129 15.30 -11.95 -3.08
N SER A 130 14.71 -10.80 -2.85
CA SER A 130 14.73 -9.75 -3.87
C SER A 130 14.62 -8.40 -3.27
N LEU A 131 15.31 -7.46 -3.89
N LEU A 131 15.30 -7.45 -3.87
CA LEU A 131 15.25 -6.05 -3.50
CA LEU A 131 15.21 -6.05 -3.46
C LEU A 131 14.22 -5.27 -4.31
C LEU A 131 14.33 -5.24 -4.39
N ALA A 132 13.69 -5.87 -5.37
CA ALA A 132 12.83 -5.15 -6.32
C ALA A 132 11.35 -5.54 -6.30
N GLN A 133 11.04 -6.80 -6.02
CA GLN A 133 9.69 -7.37 -6.20
C GLN A 133 9.47 -8.19 -4.94
N LYS A 134 8.21 -8.40 -4.60
CA LYS A 134 7.81 -9.34 -3.57
C LYS A 134 7.11 -10.52 -4.25
N SER A 135 7.14 -11.68 -3.61
CA SER A 135 6.50 -12.87 -4.18
C SER A 135 5.77 -13.65 -3.13
N LEU A 136 4.53 -14.02 -3.45
CA LEU A 136 3.80 -14.91 -2.60
C LEU A 136 4.54 -16.20 -2.39
N ARG A 137 5.31 -16.66 -3.39
CA ARG A 137 5.91 -17.96 -3.40
C ARG A 137 7.08 -18.06 -2.45
N ARG A 138 7.50 -16.90 -1.91
CA ARG A 138 8.57 -16.91 -0.90
C ARG A 138 7.99 -17.49 0.43
N LEU A 139 6.68 -17.38 0.60
CA LEU A 139 6.03 -17.84 1.83
C LEU A 139 5.14 -19.02 1.57
N PHE A 140 4.54 -19.07 0.38
CA PHE A 140 3.56 -20.07 0.02
C PHE A 140 3.82 -20.56 -1.41
N PRO A 141 4.88 -21.35 -1.57
CA PRO A 141 5.33 -21.68 -2.93
C PRO A 141 4.35 -22.51 -3.72
N CYS A 142 3.62 -23.38 -3.04
CA CYS A 142 2.79 -24.33 -3.75
C CYS A 142 1.28 -24.09 -3.69
N ASP A 143 0.83 -23.27 -2.77
CA ASP A 143 -0.61 -23.03 -2.63
C ASP A 143 -0.81 -21.62 -2.12
N THR A 144 -1.26 -20.73 -2.99
CA THR A 144 -1.53 -19.35 -2.60
C THR A 144 -3.01 -19.05 -2.38
N SER A 145 -3.82 -20.11 -2.26
CA SER A 145 -5.25 -19.93 -2.28
C SER A 145 -5.84 -19.26 -1.05
N MET A 146 -5.05 -19.13 0.02
CA MET A 146 -5.53 -18.57 1.29
C MET A 146 -4.79 -17.32 1.69
N VAL A 147 -3.96 -16.74 0.81
CA VAL A 147 -3.16 -15.62 1.23
C VAL A 147 -3.59 -14.31 0.58
N VAL A 148 -3.76 -13.29 1.40
CA VAL A 148 -4.16 -11.97 0.94
C VAL A 148 -3.01 -11.05 1.32
N VAL A 149 -2.79 -10.04 0.48
CA VAL A 149 -1.71 -9.06 0.71
C VAL A 149 -2.33 -7.67 0.92
N ILE A 150 -1.82 -6.90 1.87
CA ILE A 150 -2.11 -5.47 1.95
C ILE A 150 -0.78 -4.71 1.75
N ASP A 151 -0.79 -3.81 0.78
CA ASP A 151 0.43 -3.05 0.41
C ASP A 151 -0.02 -1.84 -0.29
N ASP A 152 0.71 -0.74 -0.11
CA ASP A 152 0.42 0.50 -0.84
C ASP A 152 0.90 0.52 -2.27
N ARG A 153 1.73 -0.44 -2.64
CA ARG A 153 2.24 -0.55 -3.98
C ARG A 153 1.71 -1.83 -4.68
N GLY A 154 1.20 -1.68 -5.89
CA GLY A 154 0.86 -2.81 -6.73
C GLY A 154 2.02 -3.28 -7.56
N ASP A 155 2.92 -2.37 -7.97
CA ASP A 155 3.97 -2.79 -8.87
C ASP A 155 4.88 -3.83 -8.23
N VAL A 156 5.15 -3.70 -6.95
CA VAL A 156 6.04 -4.67 -6.27
C VAL A 156 5.46 -6.05 -6.20
N TRP A 157 4.15 -6.18 -6.40
CA TRP A 157 3.47 -7.47 -6.45
C TRP A 157 3.05 -7.87 -7.86
N ASP A 158 3.49 -7.14 -8.87
CA ASP A 158 3.06 -7.37 -10.25
C ASP A 158 1.52 -7.43 -10.32
N TRP A 159 0.85 -6.61 -9.51
CA TRP A 159 -0.61 -6.54 -9.57
C TRP A 159 -1.23 -7.93 -9.45
N ASN A 160 -0.71 -8.67 -8.49
CA ASN A 160 -1.16 -10.03 -8.20
C ASN A 160 -2.66 -9.95 -7.84
N PRO A 161 -3.44 -10.96 -8.24
CA PRO A 161 -4.87 -10.96 -7.84
C PRO A 161 -5.16 -11.05 -6.35
N ASN A 162 -4.21 -11.44 -5.53
CA ASN A 162 -4.43 -11.59 -4.10
C ASN A 162 -4.13 -10.31 -3.32
N LEU A 163 -3.73 -9.26 -4.07
CA LEU A 163 -3.40 -7.97 -3.47
C LEU A 163 -4.60 -7.08 -3.23
N ILE A 164 -4.64 -6.49 -2.04
CA ILE A 164 -5.51 -5.37 -1.72
C ILE A 164 -4.61 -4.16 -1.60
N LYS A 165 -4.58 -3.33 -2.64
CA LYS A 165 -3.72 -2.15 -2.61
C LYS A 165 -4.36 -1.14 -1.69
N VAL A 166 -3.58 -0.52 -0.85
CA VAL A 166 -4.11 0.48 0.07
C VAL A 166 -3.62 1.87 -0.32
N VAL A 167 -4.35 2.88 0.14
CA VAL A 167 -3.92 4.25 -0.01
C VAL A 167 -2.60 4.46 0.73
N PRO A 168 -1.57 5.02 0.04
CA PRO A 168 -0.32 5.21 0.75
C PRO A 168 -0.46 6.18 1.92
N TYR A 169 0.07 5.81 3.06
CA TYR A 169 -0.08 6.63 4.26
C TYR A 169 0.99 7.69 4.20
N GLU A 170 0.58 8.95 4.20
CA GLU A 170 1.52 10.07 4.15
C GLU A 170 1.13 10.96 5.32
N PHE A 171 1.70 10.70 6.45
CA PHE A 171 1.52 11.54 7.64
C PHE A 171 2.60 12.57 7.69
N PHE A 172 3.86 12.19 7.50
CA PHE A 172 4.93 13.14 7.46
C PHE A 172 4.95 13.76 6.07
N VAL A 173 4.25 14.88 5.96
CA VAL A 173 3.98 15.49 4.68
C VAL A 173 5.27 15.69 3.91
N GLY A 174 5.31 15.25 2.66
CA GLY A 174 6.45 15.51 1.80
C GLY A 174 7.54 14.46 1.92
N ILE A 175 7.37 13.52 2.85
CA ILE A 175 8.30 12.43 3.03
C ILE A 175 7.62 11.26 2.32
N GLY A 176 8.39 10.59 1.53
CA GLY A 176 7.85 9.42 0.83
C GLY A 176 8.09 8.15 1.59
N ASP A 177 8.74 7.20 0.89
CA ASP A 177 9.03 5.87 1.45
C ASP A 177 10.53 5.80 1.63
N ILE A 178 10.96 5.82 2.90
CA ILE A 178 12.38 5.84 3.21
C ILE A 178 13.08 4.53 2.82
N ASN A 179 12.30 3.47 2.54
CA ASN A 179 12.85 2.19 2.12
C ASN A 179 12.53 1.87 0.66
N SER A 180 12.44 2.87 -0.18
CA SER A 180 12.18 2.60 -1.61
C SER A 180 13.43 2.66 -2.48
N ASN A 181 14.62 2.73 -1.87
CA ASN A 181 15.89 2.98 -2.60
C ASN A 181 16.17 2.04 -3.79
N PHE A 182 15.79 0.77 -3.65
CA PHE A 182 16.27 -0.26 -4.59
C PHE A 182 15.12 -0.91 -5.37
N LEU A 183 13.90 -0.41 -5.19
CA LEU A 183 12.74 -0.92 -5.91
C LEU A 183 12.93 -0.87 -7.44
N GLY A 184 12.68 -1.98 -8.13
CA GLY A 184 12.72 -2.02 -9.58
C GLY A 184 14.08 -2.30 -10.20
N SER A 185 15.14 -2.19 -9.41
CA SER A 185 16.50 -2.20 -9.96
C SER A 185 17.21 -3.55 -9.87
N ASN A 186 18.31 -3.64 -10.60
CA ASN A 186 19.28 -4.72 -10.51
C ASN A 186 19.98 -4.72 -9.17
N ARG A 187 20.56 -5.85 -8.79
CA ARG A 187 21.27 -5.91 -7.55
C ARG A 187 22.61 -5.24 -7.78
N GLU A 188 22.97 -4.36 -6.87
CA GLU A 188 24.30 -3.76 -6.91
C GLU A 188 25.11 -4.30 -5.74
N ALA A 189 26.42 -4.11 -5.83
CA ALA A 189 27.32 -4.42 -4.72
C ALA A 189 26.79 -3.80 -3.45
N LEU A 190 26.89 -4.55 -2.36
CA LEU A 190 26.57 -4.05 -1.05
C LEU A 190 27.24 -2.71 -0.80
N GLU A 191 28.48 -2.56 -1.27
CA GLU A 191 29.22 -1.33 -1.04
C GLU A 191 28.44 -0.16 -1.64
N GLU A 192 27.93 -0.34 -2.86
CA GLU A 192 27.14 0.71 -3.52
C GLU A 192 25.80 0.91 -2.84
N GLN A 193 25.16 -0.17 -2.38
CA GLN A 193 23.88 -0.04 -1.72
C GLN A 193 24.02 0.76 -0.44
N ASN A 194 25.10 0.48 0.30
CA ASN A 194 25.31 1.13 1.59
C ASN A 194 25.61 2.62 1.35
N LYS A 195 26.38 2.92 0.30
CA LYS A 195 26.69 4.32 -0.01
C LYS A 195 25.42 5.10 -0.37
N GLU A 196 24.58 4.52 -1.22
CA GLU A 196 23.30 5.14 -1.60
C GLU A 196 22.36 5.33 -0.42
N ARG A 197 22.27 4.33 0.46
CA ARG A 197 21.43 4.47 1.66
C ARG A 197 21.87 5.59 2.57
N VAL A 198 23.14 5.64 2.92
CA VAL A 198 23.61 6.65 3.83
C VAL A 198 23.45 8.03 3.20
N THR A 199 23.70 8.12 1.91
CA THR A 199 23.52 9.38 1.19
C THR A 199 22.08 9.85 1.32
N ALA A 200 21.11 8.97 1.08
CA ALA A 200 19.71 9.33 1.13
C ALA A 200 19.32 9.76 2.53
N LEU A 201 19.78 9.04 3.53
CA LEU A 201 19.40 9.36 4.90
C LEU A 201 20.01 10.68 5.33
N GLU A 202 21.29 10.89 5.00
CA GLU A 202 21.97 12.11 5.34
C GLU A 202 21.25 13.29 4.67
N LEU A 203 20.78 13.11 3.45
CA LEU A 203 20.11 14.19 2.73
CA LEU A 203 20.10 14.20 2.73
C LEU A 203 18.80 14.57 3.45
N GLN A 204 18.05 13.58 3.87
CA GLN A 204 16.79 13.87 4.50
C GLN A 204 17.05 14.58 5.83
N LYS A 205 18.05 14.14 6.59
CA LYS A 205 18.39 14.80 7.84
C LYS A 205 18.88 16.21 7.64
N SER A 206 19.66 16.47 6.61
CA SER A 206 20.28 17.76 6.43
C SER A 206 19.32 18.78 5.81
N GLU A 207 18.36 18.30 5.02
CA GLU A 207 17.45 19.19 4.30
C GLU A 207 16.24 19.55 5.18
N ARG A 208 15.95 18.76 6.20
CA ARG A 208 14.80 18.97 7.11
C ARG A 208 13.56 19.37 6.39
N PRO A 209 13.10 18.54 5.48
CA PRO A 209 11.94 18.90 4.69
C PRO A 209 10.70 19.25 5.48
N LEU A 210 10.47 18.61 6.63
CA LEU A 210 9.30 18.94 7.44
C LEU A 210 9.40 20.38 7.96
N ALA A 211 10.59 20.79 8.37
CA ALA A 211 10.77 22.16 8.84
C ALA A 211 10.54 23.17 7.70
N LYS A 212 11.07 22.88 6.51
CA LYS A 212 10.95 23.81 5.40
C LYS A 212 9.49 24.00 5.05
N GLN A 213 8.75 22.90 5.01
CA GLN A 213 7.33 22.98 4.68
C GLN A 213 6.54 23.69 5.78
N GLN A 214 6.83 23.36 7.03
CA GLN A 214 6.09 24.02 8.10
C GLN A 214 6.41 25.51 8.21
N ASN A 215 7.66 25.87 7.99
CA ASN A 215 8.03 27.27 7.97
C ASN A 215 7.28 28.03 6.88
N ALA A 216 7.19 27.39 5.69
CA ALA A 216 6.50 28.07 4.59
C ALA A 216 5.02 28.29 4.92
N LEU A 217 4.38 27.30 5.53
CA LEU A 217 2.98 27.47 5.95
C LEU A 217 2.81 28.60 6.93
N LEU A 218 3.72 28.72 7.87
CA LEU A 218 3.62 29.77 8.88
C LEU A 218 3.92 31.15 8.33
N GLU A 219 4.71 31.20 7.27
CA GLU A 219 5.09 32.46 6.63
C GLU A 219 3.99 32.97 5.75
N ASP A 220 3.08 32.09 5.33
CA ASP A 220 1.97 32.54 4.50
C ASP A 220 1.06 33.45 5.31
CA PRO A 226 -5.41 24.13 11.72
C PRO A 226 -4.70 24.29 10.38
N SER A 227 -5.13 25.25 9.58
CA SER A 227 -4.60 25.42 8.23
C SER A 227 -3.09 25.69 8.21
N HIS A 228 -2.53 26.31 9.26
CA HIS A 228 -1.11 26.63 9.24
C HIS A 228 -0.23 25.58 9.90
N THR A 229 -0.84 24.53 10.41
CA THR A 229 -0.11 23.42 10.99
C THR A 229 0.18 22.41 9.92
N LEU A 230 1.42 21.90 9.85
CA LEU A 230 1.76 20.95 8.82
C LEU A 230 1.11 19.61 8.99
N LEU A 231 1.18 19.05 10.19
CA LEU A 231 0.79 17.64 10.43
C LEU A 231 -0.61 17.50 11.00
N HIS A 232 -1.35 16.52 10.46
CA HIS A 232 -2.76 16.30 10.83
C HIS A 232 -3.03 14.81 10.84
N ASN A 233 -3.95 14.37 11.67
CA ASN A 233 -4.48 13.00 11.64
C ASN A 233 -5.80 13.09 10.87
N ARG A 234 -5.83 12.70 9.64
CA ARG A 234 -7.07 12.70 8.86
C ARG A 234 -7.23 11.36 8.14
N ASP A 235 -6.57 10.33 8.61
CA ASP A 235 -6.57 9.06 7.85
C ASP A 235 -7.49 8.06 8.53
N HIS A 236 -8.37 7.44 7.73
CA HIS A 236 -9.34 6.45 8.21
C HIS A 236 -9.28 5.19 7.33
N GLU A 237 -8.15 4.94 6.73
CA GLU A 237 -8.02 3.81 5.79
CA GLU A 237 -8.06 3.82 5.80
C GLU A 237 -8.17 2.47 6.49
N LEU A 238 -7.65 2.33 7.71
CA LEU A 238 -7.75 1.02 8.34
C LEU A 238 -9.17 0.62 8.62
N GLU A 239 -10.05 1.55 8.94
CA GLU A 239 -11.47 1.24 9.19
CA GLU A 239 -11.45 1.24 9.19
C GLU A 239 -12.07 0.66 7.92
N ARG A 240 -11.72 1.23 6.79
CA ARG A 240 -12.25 0.77 5.50
CA ARG A 240 -12.25 0.77 5.50
C ARG A 240 -11.68 -0.60 5.18
N LEU A 241 -10.37 -0.73 5.39
CA LEU A 241 -9.66 -1.96 5.05
C LEU A 241 -10.18 -3.12 5.89
N GLU A 242 -10.51 -2.88 7.13
CA GLU A 242 -11.01 -3.95 7.99
CA GLU A 242 -11.03 -3.95 7.98
C GLU A 242 -12.26 -4.56 7.37
N LYS A 243 -13.13 -3.72 6.83
CA LYS A 243 -14.40 -4.18 6.29
CA LYS A 243 -14.39 -4.20 6.29
C LYS A 243 -14.11 -5.05 5.06
N VAL A 244 -13.20 -4.63 4.21
CA VAL A 244 -12.85 -5.38 3.01
C VAL A 244 -12.29 -6.75 3.43
N LEU A 245 -11.33 -6.75 4.35
CA LEU A 245 -10.74 -8.00 4.78
C LEU A 245 -11.73 -8.96 5.45
N LYS A 246 -12.69 -8.42 6.21
CA LYS A 246 -13.73 -9.26 6.81
C LYS A 246 -14.62 -9.85 5.75
N ASP A 247 -14.93 -9.12 4.71
CA ASP A 247 -15.76 -9.62 3.62
C ASP A 247 -15.04 -10.75 2.87
N ILE A 248 -13.77 -10.54 2.57
CA ILE A 248 -13.02 -11.59 1.87
C ILE A 248 -12.98 -12.87 2.68
N HIS A 249 -12.80 -12.76 3.98
CA HIS A 249 -12.71 -13.92 4.86
C HIS A 249 -14.05 -14.63 4.83
N ALA A 250 -15.15 -13.90 4.96
CA ALA A 250 -16.44 -14.54 5.01
C ALA A 250 -16.80 -15.20 3.69
N VAL A 251 -16.53 -14.55 2.57
CA VAL A 251 -16.82 -15.15 1.26
C VAL A 251 -15.96 -16.40 1.09
N TYR A 252 -14.67 -16.31 1.42
CA TYR A 252 -13.84 -17.48 1.32
C TYR A 252 -14.42 -18.66 2.09
N TYR A 253 -14.79 -18.46 3.34
CA TYR A 253 -15.23 -19.57 4.12
C TYR A 253 -16.60 -20.08 3.73
N GLU A 254 -17.46 -19.22 3.21
CA GLU A 254 -18.69 -19.74 2.67
C GLU A 254 -18.44 -20.55 1.41
N GLU A 255 -17.58 -20.05 0.52
CA GLU A 255 -17.28 -20.80 -0.69
C GLU A 255 -16.55 -22.10 -0.35
N GLU A 256 -15.65 -22.06 0.61
CA GLU A 256 -14.88 -23.24 1.02
C GLU A 256 -15.81 -24.33 1.53
N ASN A 257 -16.78 -23.94 2.33
CA ASN A 257 -17.74 -24.91 2.85
C ASN A 257 -18.49 -25.58 1.71
N ASP A 258 -18.90 -24.79 0.73
CA ASP A 258 -19.66 -25.33 -0.39
C ASP A 258 -18.77 -26.23 -1.27
N ILE A 259 -17.63 -25.74 -1.69
CA ILE A 259 -16.77 -26.44 -2.63
C ILE A 259 -16.24 -27.69 -1.98
N SER A 260 -15.75 -27.60 -0.75
CA SER A 260 -15.14 -28.78 -0.14
C SER A 260 -16.17 -29.87 0.11
N SER A 261 -17.39 -29.47 0.49
CA SER A 261 -18.44 -30.46 0.77
C SER A 261 -18.87 -31.15 -0.51
N ARG A 262 -18.90 -30.44 -1.63
CA ARG A 262 -19.34 -31.05 -2.89
C ARG A 262 -18.26 -31.91 -3.54
N SER A 263 -17.01 -31.74 -3.14
CA SER A 263 -15.89 -32.40 -3.78
C SER A 263 -15.23 -33.40 -2.84
N GLY A 264 -15.89 -33.72 -1.73
CA GLY A 264 -15.31 -34.66 -0.79
C GLY A 264 -13.98 -34.16 -0.32
N ASN A 265 -13.91 -32.86 -0.11
CA ASN A 265 -12.73 -32.18 0.38
C ASN A 265 -11.53 -32.25 -0.57
N HIS A 266 -11.76 -32.52 -1.84
CA HIS A 266 -10.68 -32.54 -2.81
CA HIS A 266 -10.68 -32.55 -2.83
C HIS A 266 -10.43 -31.19 -3.46
N LYS A 267 -11.44 -30.32 -3.44
CA LYS A 267 -11.30 -28.97 -4.01
C LYS A 267 -11.61 -27.97 -2.94
N HIS A 268 -11.08 -26.76 -3.13
CA HIS A 268 -11.17 -25.71 -2.15
C HIS A 268 -11.39 -24.33 -2.80
N ALA A 269 -11.76 -23.37 -1.99
CA ALA A 269 -11.90 -21.98 -2.43
C ALA A 269 -10.53 -21.33 -2.69
N ASN A 270 -10.55 -20.13 -3.24
CA ASN A 270 -9.31 -19.48 -3.62
C ASN A 270 -9.48 -18.00 -3.59
N VAL A 271 -8.76 -17.33 -2.68
CA VAL A 271 -8.93 -15.89 -2.58
C VAL A 271 -8.52 -15.16 -3.85
N GLY A 272 -7.69 -15.81 -4.67
CA GLY A 272 -7.22 -15.20 -5.91
C GLY A 272 -8.28 -15.17 -6.98
N LEU A 273 -9.36 -15.92 -6.79
CA LEU A 273 -10.57 -15.82 -7.61
C LEU A 273 -11.62 -14.94 -6.97
N ILE A 274 -11.75 -14.98 -5.65
CA ILE A 274 -12.70 -14.21 -4.91
C ILE A 274 -12.44 -12.71 -5.03
N ILE A 275 -11.21 -12.31 -4.81
CA ILE A 275 -10.90 -10.88 -4.76
C ILE A 275 -11.16 -10.17 -6.13
N PRO A 276 -10.69 -10.76 -7.24
CA PRO A 276 -10.99 -10.10 -8.55
C PRO A 276 -12.48 -9.95 -8.78
N LYS A 277 -13.28 -10.93 -8.37
CA LYS A 277 -14.72 -10.80 -8.55
C LYS A 277 -15.31 -9.65 -7.79
N MET A 278 -14.82 -9.37 -6.56
CA MET A 278 -15.28 -8.25 -5.77
CA MET A 278 -15.30 -8.25 -5.77
C MET A 278 -14.86 -6.95 -6.43
N LYS A 279 -13.61 -6.88 -6.89
CA LYS A 279 -13.09 -5.60 -7.38
C LYS A 279 -13.76 -5.23 -8.70
N GLN A 280 -14.07 -6.24 -9.52
CA GLN A 280 -14.48 -6.01 -10.90
C GLN A 280 -15.82 -5.32 -10.95
N LYS A 281 -16.57 -5.36 -9.85
CA LYS A 281 -17.80 -4.62 -9.76
C LYS A 281 -17.68 -3.10 -9.75
N VAL A 282 -16.54 -2.59 -9.31
CA VAL A 282 -16.42 -1.17 -9.05
C VAL A 282 -16.50 -0.31 -10.31
N LEU A 283 -15.66 -0.60 -11.30
CA LEU A 283 -15.68 0.17 -12.54
C LEU A 283 -16.22 -0.61 -13.70
N LYS A 284 -16.99 -1.66 -13.44
CA LYS A 284 -17.66 -2.40 -14.50
C LYS A 284 -18.43 -1.46 -15.41
N GLY A 285 -18.17 -1.60 -16.71
CA GLY A 285 -18.86 -0.84 -17.73
C GLY A 285 -18.13 0.42 -18.14
N CYS A 286 -17.09 0.79 -17.40
CA CYS A 286 -16.26 1.92 -17.81
C CYS A 286 -15.27 1.49 -18.85
N ARG A 287 -15.04 2.37 -19.80
CA ARG A 287 -14.04 2.21 -20.86
C ARG A 287 -13.23 3.49 -20.83
N LEU A 288 -11.98 3.39 -20.42
CA LEU A 288 -11.13 4.53 -20.13
C LEU A 288 -10.12 4.80 -21.23
N LEU A 289 -10.00 6.08 -21.59
CA LEU A 289 -8.97 6.56 -22.56
C LEU A 289 -8.14 7.54 -21.77
N PHE A 290 -6.82 7.38 -21.70
CA PHE A 290 -5.95 8.33 -21.06
C PHE A 290 -5.42 9.43 -22.02
N SER A 291 -5.29 10.63 -21.47
CA SER A 291 -4.69 11.75 -22.20
C SER A 291 -3.69 12.43 -21.31
N GLY A 292 -2.41 12.38 -21.69
CA GLY A 292 -1.35 13.05 -20.95
C GLY A 292 -0.99 12.49 -19.58
N VAL A 293 -1.44 11.28 -19.27
CA VAL A 293 -1.16 10.63 -17.98
C VAL A 293 -0.02 9.64 -18.05
N ILE A 294 0.04 8.92 -19.15
CA ILE A 294 1.10 7.96 -19.34
C ILE A 294 2.10 8.64 -20.28
N PRO A 295 3.40 8.61 -19.95
CA PRO A 295 4.37 9.37 -20.75
C PRO A 295 4.38 8.93 -22.20
N LEU A 296 4.61 9.87 -23.12
CA LEU A 296 4.70 9.53 -24.55
C LEU A 296 5.82 8.52 -24.74
N GLY A 297 5.50 7.39 -25.36
CA GLY A 297 6.48 6.33 -25.60
C GLY A 297 6.34 5.15 -24.64
N VAL A 298 5.52 5.31 -23.62
CA VAL A 298 5.30 4.25 -22.63
C VAL A 298 4.04 3.45 -22.97
N ASP A 299 4.14 2.13 -22.85
CA ASP A 299 3.04 1.21 -23.16
C ASP A 299 1.91 1.43 -22.18
N VAL A 300 0.74 1.77 -22.71
CA VAL A 300 -0.34 2.11 -21.83
C VAL A 300 -0.94 0.91 -21.09
N LEU A 301 -1.20 -0.18 -21.79
CA LEU A 301 -1.96 -1.29 -21.20
CA LEU A 301 -1.95 -1.29 -21.20
C LEU A 301 -1.19 -2.03 -20.10
N SER A 302 0.13 -1.94 -20.13
CA SER A 302 0.95 -2.59 -19.11
C SER A 302 1.35 -1.59 -18.02
N SER A 303 0.89 -0.34 -18.11
CA SER A 303 1.23 0.66 -17.09
C SER A 303 0.57 0.33 -15.78
N ASP A 304 1.13 0.85 -14.71
CA ASP A 304 0.52 0.59 -13.40
C ASP A 304 -0.86 1.11 -13.30
N ILE A 305 -1.11 2.32 -13.82
CA ILE A 305 -2.47 2.88 -13.72
C ILE A 305 -3.50 2.06 -14.49
N ALA A 306 -3.08 1.58 -15.67
CA ALA A 306 -4.02 0.75 -16.43
C ALA A 306 -4.26 -0.58 -15.72
N LYS A 307 -3.22 -1.19 -15.19
CA LYS A 307 -3.41 -2.45 -14.49
C LYS A 307 -4.27 -2.32 -13.25
N TRP A 308 -4.05 -1.25 -12.53
CA TRP A 308 -4.87 -0.95 -11.36
C TRP A 308 -6.33 -0.78 -11.77
N ALA A 309 -6.59 0.02 -12.80
CA ALA A 309 -7.94 0.22 -13.24
C ALA A 309 -8.60 -1.07 -13.76
N MET A 310 -7.86 -1.83 -14.52
CA MET A 310 -8.43 -3.08 -15.07
C MET A 310 -8.74 -4.07 -13.93
N SER A 311 -7.99 -4.01 -12.83
CA SER A 311 -8.24 -4.96 -11.71
C SER A 311 -9.59 -4.64 -11.10
N PHE A 312 -10.07 -3.42 -11.28
CA PHE A 312 -11.40 -3.01 -10.82
C PHE A 312 -12.45 -2.97 -11.91
N GLY A 313 -12.24 -3.72 -12.97
CA GLY A 313 -13.25 -3.95 -13.97
C GLY A 313 -13.35 -2.99 -15.13
N ALA A 314 -12.49 -1.98 -15.15
CA ALA A 314 -12.45 -1.04 -16.27
C ALA A 314 -11.80 -1.66 -17.49
N GLU A 315 -12.30 -1.30 -18.67
CA GLU A 315 -11.59 -1.55 -19.92
CA GLU A 315 -11.60 -1.55 -19.92
C GLU A 315 -10.77 -0.29 -20.19
N VAL A 316 -9.61 -0.48 -20.83
CA VAL A 316 -8.77 0.61 -21.27
C VAL A 316 -8.69 0.59 -22.78
N VAL A 317 -8.95 1.72 -23.41
CA VAL A 317 -8.84 1.84 -24.87
C VAL A 317 -7.78 2.89 -25.22
N LEU A 318 -7.37 2.93 -26.49
CA LEU A 318 -6.29 3.78 -26.91
C LEU A 318 -6.69 4.83 -27.93
N ASP A 319 -7.94 4.81 -28.42
CA ASP A 319 -8.39 5.81 -29.38
C ASP A 319 -9.91 5.90 -29.29
N PHE A 320 -10.54 6.65 -30.16
CA PHE A 320 -11.98 6.91 -30.06
C PHE A 320 -12.80 6.01 -30.99
N SER A 321 -12.16 5.03 -31.61
CA SER A 321 -12.85 4.22 -32.63
C SER A 321 -14.09 3.53 -32.06
N VAL A 322 -14.01 3.05 -30.83
CA VAL A 322 -15.21 2.78 -30.03
C VAL A 322 -15.19 3.76 -28.88
N PRO A 323 -16.10 4.75 -28.86
CA PRO A 323 -15.94 5.84 -27.91
C PRO A 323 -15.81 5.34 -26.48
N PRO A 324 -14.86 5.89 -25.71
CA PRO A 324 -14.74 5.55 -24.30
C PRO A 324 -15.91 6.13 -23.50
N THR A 325 -16.07 5.68 -22.26
CA THR A 325 -17.05 6.30 -21.37
C THR A 325 -16.38 7.50 -20.69
N HIS A 326 -15.06 7.41 -20.48
CA HIS A 326 -14.30 8.44 -19.75
C HIS A 326 -13.00 8.74 -20.47
N LEU A 327 -12.67 10.02 -20.53
CA LEU A 327 -11.36 10.52 -20.90
C LEU A 327 -10.72 10.95 -19.61
N ILE A 328 -9.62 10.30 -19.24
CA ILE A 328 -8.90 10.61 -18.02
C ILE A 328 -7.76 11.53 -18.44
N ALA A 329 -7.86 12.81 -18.17
CA ALA A 329 -6.97 13.78 -18.76
C ALA A 329 -6.15 14.53 -17.73
N ALA A 330 -4.88 14.75 -18.07
CA ALA A 330 -3.96 15.51 -17.24
C ALA A 330 -4.05 17.00 -17.56
N LYS A 331 -4.18 17.33 -18.85
CA LYS A 331 -4.24 18.73 -19.29
C LYS A 331 -5.46 18.99 -20.18
N ILE A 332 -6.08 20.15 -20.02
CA ILE A 332 -7.26 20.48 -20.79
C ILE A 332 -6.87 20.79 -22.26
N ARG A 333 -5.62 21.15 -22.49
CA ARG A 333 -5.22 21.56 -23.84
C ARG A 333 -4.66 20.40 -24.66
N THR A 334 -5.51 19.47 -25.06
CA THR A 334 -5.10 18.42 -25.98
C THR A 334 -6.20 18.09 -26.96
N GLU A 335 -5.82 17.58 -28.12
CA GLU A 335 -6.79 17.18 -29.13
CA GLU A 335 -6.79 17.18 -29.13
C GLU A 335 -7.70 16.06 -28.60
N LYS A 336 -7.19 15.19 -27.73
CA LYS A 336 -8.06 14.16 -27.19
C LYS A 336 -9.17 14.77 -26.36
N VAL A 337 -8.84 15.78 -25.55
CA VAL A 337 -9.89 16.49 -24.81
C VAL A 337 -10.86 17.17 -25.77
N LYS A 338 -10.36 17.92 -26.74
CA LYS A 338 -11.25 18.61 -27.69
C LYS A 338 -12.17 17.62 -28.41
N LYS A 339 -11.63 16.47 -28.76
CA LYS A 339 -12.40 15.49 -29.49
C LYS A 339 -13.48 14.90 -28.60
N ALA A 340 -13.13 14.55 -27.36
CA ALA A 340 -14.11 13.98 -26.44
C ALA A 340 -15.26 14.96 -26.20
N VAL A 341 -14.91 16.24 -26.03
CA VAL A 341 -15.92 17.25 -25.82
C VAL A 341 -16.74 17.37 -27.08
N SER A 342 -16.11 17.46 -28.23
CA SER A 342 -16.88 17.67 -29.45
C SER A 342 -17.79 16.47 -29.74
N MET A 343 -17.35 15.26 -29.40
CA MET A 343 -18.15 14.06 -29.64
C MET A 343 -19.35 13.95 -28.74
N GLY A 344 -19.24 14.50 -27.54
CA GLY A 344 -20.28 14.33 -26.57
C GLY A 344 -20.33 12.91 -26.00
N ASN A 345 -21.11 12.79 -24.94
CA ASN A 345 -21.35 11.51 -24.29
C ASN A 345 -20.12 10.84 -23.70
N ILE A 346 -19.07 11.61 -23.46
CA ILE A 346 -17.84 11.10 -22.84
C ILE A 346 -17.55 12.00 -21.64
N LYS A 347 -17.32 11.39 -20.48
CA LYS A 347 -16.98 12.15 -19.28
C LYS A 347 -15.52 12.50 -19.31
N VAL A 348 -15.21 13.78 -19.20
CA VAL A 348 -13.82 14.21 -19.17
C VAL A 348 -13.50 14.55 -17.73
N VAL A 349 -12.58 13.81 -17.13
CA VAL A 349 -12.24 13.93 -15.72
C VAL A 349 -10.76 13.95 -15.45
N LYS A 350 -10.43 14.53 -14.31
CA LYS A 350 -9.05 14.50 -13.81
C LYS A 350 -8.67 13.11 -13.38
N LEU A 351 -7.37 12.84 -13.37
CA LEU A 351 -6.82 11.54 -12.95
C LEU A 351 -7.31 11.21 -11.54
N ASN A 352 -7.48 12.25 -10.72
CA ASN A 352 -7.95 12.02 -9.34
C ASN A 352 -9.31 11.34 -9.29
N TRP A 353 -10.15 11.50 -10.30
CA TRP A 353 -11.40 10.75 -10.27
C TRP A 353 -11.11 9.24 -10.19
N LEU A 354 -10.17 8.79 -11.03
CA LEU A 354 -9.88 7.37 -11.12
C LEU A 354 -9.18 6.90 -9.87
N THR A 355 -8.13 7.61 -9.46
CA THR A 355 -7.37 7.13 -8.31
C THR A 355 -8.20 7.20 -7.04
N GLU A 356 -9.03 8.22 -6.86
CA GLU A 356 -9.87 8.25 -5.66
C GLU A 356 -10.95 7.19 -5.72
N SER A 357 -11.51 6.92 -6.89
CA SER A 357 -12.52 5.88 -6.99
C SER A 357 -11.92 4.52 -6.67
N LEU A 358 -10.76 4.22 -7.28
CA LEU A 358 -10.12 2.91 -7.06
C LEU A 358 -9.76 2.80 -5.56
N SER A 359 -9.25 3.88 -4.97
CA SER A 359 -8.93 3.92 -3.55
C SER A 359 -10.11 3.61 -2.66
N GLN A 360 -11.30 4.04 -3.03
CA GLN A 360 -12.45 3.88 -2.18
C GLN A 360 -13.31 2.68 -2.56
N TRP A 361 -12.88 1.91 -3.57
CA TRP A 361 -13.69 0.84 -4.11
C TRP A 361 -15.10 1.34 -4.43
N LYS A 362 -15.18 2.55 -4.95
CA LYS A 362 -16.49 3.14 -5.26
C LYS A 362 -16.27 4.16 -6.32
N ARG A 363 -17.07 4.06 -7.35
CA ARG A 363 -17.04 5.05 -8.40
C ARG A 363 -17.57 6.38 -7.85
N LEU A 364 -16.77 7.43 -7.92
CA LEU A 364 -17.15 8.69 -7.34
C LEU A 364 -17.85 9.50 -8.43
N PRO A 365 -18.61 10.52 -8.05
CA PRO A 365 -19.34 11.34 -9.03
C PRO A 365 -18.35 12.05 -9.93
N GLU A 366 -18.48 11.86 -11.25
CA GLU A 366 -17.57 12.51 -12.16
C GLU A 366 -17.66 14.02 -12.07
N SER A 367 -18.84 14.53 -11.80
CA SER A 367 -19.09 15.97 -11.69
C SER A 367 -18.21 16.61 -10.63
N ASP A 368 -17.66 15.81 -9.72
CA ASP A 368 -16.74 16.33 -8.71
C ASP A 368 -15.31 16.47 -9.22
N TYR A 369 -15.05 16.01 -10.46
CA TYR A 369 -13.66 15.94 -10.97
C TYR A 369 -13.52 16.50 -12.38
N LEU A 370 -14.27 17.55 -12.68
CA LEU A 370 -14.18 18.18 -13.98
C LEU A 370 -12.82 18.87 -14.15
N LEU A 371 -12.37 18.98 -15.40
CA LEU A 371 -11.13 19.70 -15.75
C LEU A 371 -11.37 21.16 -16.02
N TYR A 372 -10.41 22.01 -15.66
CA TYR A 372 -10.48 23.45 -15.97
C TYR A 372 -9.13 24.02 -16.41
AL AF3 B . 7.36 -1.88 2.50
F1 AF3 B . 7.45 -2.09 4.27
F2 AF3 B . 6.67 -0.31 1.87
F3 AF3 B . 8.01 -3.23 1.47
O1 PG4 C . 11.02 -12.22 -7.06
C1 PG4 C . 10.89 -13.29 -6.16
C2 PG4 C . 11.40 -12.96 -4.74
O2 PG4 C . 11.64 -14.12 -3.96
C3 PG4 C . 12.68 -14.96 -4.44
C4 PG4 C . 13.17 -15.95 -3.45
O3 PG4 C . 12.22 -16.98 -3.26
C5 PG4 C . 12.27 -17.88 -4.32
C6 PG4 C . 11.17 -18.89 -4.26
O4 PG4 C . 9.92 -18.37 -4.62
C7 PG4 C . 9.76 -17.93 -5.95
C8 PG4 C . 9.83 -16.38 -5.89
O5 PG4 C . 9.40 -15.75 -7.06
O1 PG4 D . 9.09 17.82 -0.11
C1 PG4 D . 9.44 19.14 0.25
C2 PG4 D . 10.94 19.22 0.51
O2 PG4 D . 11.30 20.31 1.30
C3 PG4 D . 11.37 21.56 0.68
C4 PG4 D . 9.96 22.16 0.60
O3 PG4 D . 10.02 23.54 0.81
C5 PG4 D . 8.79 24.15 1.02
C6 PG4 D . 8.96 25.64 0.77
O4 PG4 D . 7.89 26.09 -0.01
MG MG E . 4.94 0.25 1.28
#